data_6Z2Q
#
_entry.id   6Z2Q
#
_cell.length_a   65.366
_cell.length_b   65.366
_cell.length_c   187.654
_cell.angle_alpha   90.000
_cell.angle_beta   90.000
_cell.angle_gamma   90.000
#
_symmetry.space_group_name_H-M   'P 41 21 2'
#
loop_
_entity.id
_entity.type
_entity.pdbx_description
1 polymer 'O-glycan protease'
2 polymer Glycodrosocin
3 branched beta-D-galactopyranose-(1-3)-2-acetamido-2-deoxy-alpha-D-galactopyranose
4 non-polymer 'ZINC ION'
5 non-polymer 'ACETIC ACID'
6 non-polymer 1,2-ETHANEDIOL
7 water water
#
loop_
_entity_poly.entity_id
_entity_poly.type
_entity_poly.pdbx_seq_one_letter_code
_entity_poly.pdbx_strand_id
1 'polypeptide(L)'
;MEVTVPDALKDRIALKKTARQLNIVYFLGSDTEPVPDYERRLSELLLYLQQFYGKEMQRHGYGARSFGLDIKSPGRVNII
EYKAKNPAAHYPYENGGGWKAAQELDEFFKAHPDRKKSQHTLIIMPTWNDEKNGPDNPGGVPFYGMGRNCFALDYPAFDI
KHLGQKTREGRLLTKWYGGMAHELGHGLNLPHNHQTASDGKKYGTALMGSGNYTFGTSPTFLTPASCALLDACEVFSVTP
SQQFYEGKPEVEVGDVAISFKGDQILVSGNYKSPQTVKALNVYIQDPPYAVNQDYDAVSFSRRLGKKSGKFSMKIDKKEL
EGLNNNEFRISLMFILANGLHMQKHFTFHWDALQDYRDGSKSGSGHHHHHH
;
A
2 'polypeptide(L)' GKPRPYSPRPTSHPRPIRV D
#
loop_
_chem_comp.id
_chem_comp.type
_chem_comp.name
_chem_comp.formula
A2G D-saccharide, alpha linking 2-acetamido-2-deoxy-alpha-D-galactopyranose 'C8 H15 N O6'
ACY non-polymer 'ACETIC ACID' 'C2 H4 O2'
EDO non-polymer 1,2-ETHANEDIOL 'C2 H6 O2'
GAL D-saccharide, beta linking beta-D-galactopyranose 'C6 H12 O6'
ZN non-polymer 'ZINC ION' 'Zn 2'
#
# COMPACT_ATOMS: atom_id res chain seq x y z
N THR A 4 3.58 6.75 28.36
CA THR A 4 2.88 7.57 27.37
C THR A 4 3.62 7.47 25.98
N VAL A 5 4.93 7.18 25.90
CA VAL A 5 5.55 6.84 24.61
C VAL A 5 6.10 5.42 24.65
N PRO A 6 5.53 4.50 23.87
CA PRO A 6 6.02 3.12 23.86
C PRO A 6 7.43 3.05 23.32
N ASP A 7 8.17 2.02 23.75
CA ASP A 7 9.55 1.91 23.33
C ASP A 7 9.73 1.91 21.83
N ALA A 8 8.78 1.32 21.08
CA ALA A 8 8.92 1.16 19.65
C ALA A 8 8.85 2.49 18.93
N LEU A 9 8.37 3.52 19.61
CA LEU A 9 8.30 4.86 19.05
C LEU A 9 9.36 5.81 19.60
N LYS A 10 10.25 5.33 20.47
CA LYS A 10 11.30 6.22 20.96
C LYS A 10 12.28 6.58 19.83
N ASP A 11 12.48 5.66 18.88
CA ASP A 11 13.21 5.87 17.64
C ASP A 11 12.20 6.27 16.56
N ARG A 12 12.19 7.54 16.19
CA ARG A 12 11.20 8.04 15.25
C ARG A 12 11.73 9.32 14.64
N ILE A 13 11.38 9.56 13.39
CA ILE A 13 11.90 10.71 12.65
C ILE A 13 10.80 11.76 12.55
N ALA A 14 11.22 13.03 12.54
CA ALA A 14 10.34 14.14 12.22
C ALA A 14 9.95 14.07 10.75
N LEU A 15 8.66 14.22 10.48
CA LEU A 15 8.11 14.11 9.14
C LEU A 15 7.65 15.46 8.57
N LYS A 16 7.71 15.56 7.24
CA LYS A 16 7.24 16.75 6.52
C LYS A 16 5.73 16.84 6.66
N LYS A 17 5.21 18.04 6.92
CA LYS A 17 3.76 18.24 7.01
C LYS A 17 3.14 17.96 5.65
N THR A 18 1.99 17.31 5.63
CA THR A 18 1.38 17.01 4.35
C THR A 18 0.14 17.88 4.10
N ALA A 19 -0.22 17.99 2.84
CA ALA A 19 -1.36 18.80 2.44
C ALA A 19 -2.67 18.08 2.74
N ARG A 20 -2.66 16.76 2.76
N ARG A 20 -2.65 16.76 2.81
CA ARG A 20 -3.85 15.94 2.96
CA ARG A 20 -3.85 15.95 2.97
C ARG A 20 -3.49 14.80 3.91
C ARG A 20 -3.51 14.78 3.89
N GLN A 21 -4.47 14.36 4.69
CA GLN A 21 -4.24 13.32 5.69
C GLN A 21 -5.17 12.14 5.49
N LEU A 22 -4.62 10.96 5.77
CA LEU A 22 -5.41 9.75 5.81
C LEU A 22 -6.46 9.83 6.90
N ASN A 23 -7.71 9.61 6.54
CA ASN A 23 -8.76 9.51 7.53
C ASN A 23 -8.70 8.15 8.21
N ILE A 24 -8.85 8.16 9.53
CA ILE A 24 -8.93 6.96 10.36
C ILE A 24 -10.33 6.89 10.95
N VAL A 25 -11.07 5.85 10.61
CA VAL A 25 -12.41 5.67 11.15
C VAL A 25 -12.44 4.40 11.97
N TYR A 26 -12.81 4.53 13.24
CA TYR A 26 -13.14 3.37 14.07
C TYR A 26 -14.64 3.16 13.92
N PHE A 27 -15.00 2.09 13.20
CA PHE A 27 -16.34 1.84 12.69
C PHE A 27 -17.05 0.80 13.54
N LEU A 28 -18.12 1.20 14.19
CA LEU A 28 -18.82 0.39 15.17
C LEU A 28 -20.21 0.04 14.67
N GLY A 29 -20.52 -1.25 14.59
CA GLY A 29 -21.91 -1.64 14.38
C GLY A 29 -22.78 -1.04 15.48
N SER A 30 -24.08 -0.85 15.16
CA SER A 30 -25.02 -0.26 16.11
C SER A 30 -25.03 -1.01 17.44
N ASP A 31 -24.60 -2.27 17.44
CA ASP A 31 -24.57 -3.14 18.61
C ASP A 31 -23.15 -3.52 19.05
N THR A 32 -22.13 -2.75 18.65
CA THR A 32 -20.73 -3.14 18.84
C THR A 32 -20.11 -2.20 19.85
N GLU A 33 -19.48 -2.72 20.75
CA GLU A 33 -18.74 -2.08 21.82
C GLU A 33 -17.31 -1.78 21.35
N PRO A 34 -16.75 -0.57 21.57
CA PRO A 34 -15.33 -0.35 21.25
C PRO A 34 -14.46 -1.38 21.95
N VAL A 35 -13.33 -1.73 21.34
CA VAL A 35 -12.33 -2.51 22.11
C VAL A 35 -11.65 -1.58 23.12
N PRO A 36 -11.45 -1.98 24.36
CA PRO A 36 -10.91 -1.04 25.36
C PRO A 36 -9.58 -0.38 24.96
N ASP A 37 -9.47 0.92 25.23
CA ASP A 37 -8.21 1.62 25.08
C ASP A 37 -7.77 1.75 23.63
N TYR A 38 -8.74 1.75 22.72
CA TYR A 38 -8.38 1.76 21.31
C TYR A 38 -7.73 3.06 20.89
N GLU A 39 -8.12 4.20 21.47
CA GLU A 39 -7.49 5.44 21.02
C GLU A 39 -5.98 5.38 21.18
N ARG A 40 -5.51 4.94 22.35
CA ARG A 40 -4.08 4.89 22.57
C ARG A 40 -3.45 3.77 21.75
N ARG A 41 -3.99 2.56 21.82
CA ARG A 41 -3.41 1.42 21.10
C ARG A 41 -3.33 1.70 19.60
N LEU A 42 -4.44 2.18 19.02
CA LEU A 42 -4.43 2.42 17.58
C LEU A 42 -3.57 3.63 17.19
N SER A 43 -3.59 4.71 18.00
CA SER A 43 -2.64 5.80 17.74
C SER A 43 -1.22 5.28 17.70
N GLU A 44 -0.83 4.51 18.70
CA GLU A 44 0.53 3.99 18.70
C GLU A 44 0.83 3.16 17.45
N LEU A 45 -0.07 2.23 17.11
CA LEU A 45 0.15 1.38 15.93
C LEU A 45 0.17 2.20 14.66
N LEU A 46 -0.71 3.19 14.54
CA LEU A 46 -0.72 4.01 13.34
C LEU A 46 0.53 4.93 13.26
N LEU A 47 0.99 5.49 14.38
CA LEU A 47 2.18 6.33 14.32
C LEU A 47 3.43 5.50 13.98
N TYR A 48 3.52 4.28 14.48
CA TYR A 48 4.65 3.44 14.10
C TYR A 48 4.56 3.05 12.64
N LEU A 49 3.36 2.76 12.19
CA LEU A 49 3.12 2.50 10.78
C LEU A 49 3.52 3.73 9.95
N GLN A 50 3.14 4.93 10.41
CA GLN A 50 3.55 6.14 9.72
C GLN A 50 5.07 6.24 9.68
N GLN A 51 5.72 5.85 10.78
CA GLN A 51 7.19 5.84 10.82
C GLN A 51 7.75 4.84 9.78
N PHE A 52 7.16 3.64 9.73
CA PHE A 52 7.65 2.63 8.79
C PHE A 52 7.63 3.16 7.35
N TYR A 53 6.51 3.73 6.93
CA TYR A 53 6.41 4.21 5.55
C TYR A 53 7.33 5.39 5.31
N GLY A 54 7.42 6.30 6.29
CA GLY A 54 8.27 7.47 6.14
C GLY A 54 9.76 7.14 6.10
N LYS A 55 10.22 6.19 6.92
CA LYS A 55 11.62 5.82 6.85
C LYS A 55 11.96 5.17 5.51
N GLU A 56 11.04 4.35 4.98
CA GLU A 56 11.28 3.74 3.68
C GLU A 56 11.27 4.82 2.60
N MET A 57 10.36 5.79 2.68
CA MET A 57 10.40 6.84 1.69
C MET A 57 11.72 7.59 1.75
N GLN A 58 12.20 7.82 2.95
CA GLN A 58 13.43 8.54 3.11
C GLN A 58 14.61 7.75 2.57
N ARG A 59 14.65 6.47 2.88
CA ARG A 59 15.73 5.61 2.44
C ARG A 59 15.81 5.51 0.93
N HIS A 60 14.69 5.74 0.23
CA HIS A 60 14.63 5.71 -1.23
C HIS A 60 14.80 7.11 -1.83
N GLY A 61 15.07 8.12 -1.01
CA GLY A 61 15.43 9.43 -1.51
C GLY A 61 14.34 10.47 -1.56
N TYR A 62 13.18 10.21 -0.99
CA TYR A 62 12.09 11.18 -0.99
C TYR A 62 12.08 12.09 0.25
N GLY A 63 13.07 11.99 1.12
CA GLY A 63 12.99 12.72 2.37
C GLY A 63 12.00 12.08 3.32
N ALA A 64 11.88 12.70 4.49
CA ALA A 64 11.06 12.19 5.59
C ALA A 64 9.57 12.47 5.32
N ARG A 65 9.03 11.77 4.32
CA ARG A 65 7.64 11.91 3.90
C ARG A 65 6.85 10.62 4.17
N SER A 66 5.73 10.73 4.86
CA SER A 66 4.88 9.57 5.02
C SER A 66 3.46 10.03 4.74
N PHE A 67 2.50 9.12 4.93
CA PHE A 67 1.12 9.52 4.84
C PHE A 67 0.75 10.43 6.01
N GLY A 68 -0.04 11.45 5.70
CA GLY A 68 -0.49 12.37 6.71
C GLY A 68 -1.49 11.73 7.65
N LEU A 69 -1.45 12.15 8.89
CA LEU A 69 -2.46 11.82 9.89
C LEU A 69 -2.92 13.08 10.60
N ASP A 70 -4.20 13.16 10.90
CA ASP A 70 -4.64 14.28 11.71
C ASP A 70 -4.32 13.97 13.16
N ILE A 71 -3.43 14.75 13.75
CA ILE A 71 -2.94 14.54 15.11
C ILE A 71 -3.62 15.56 16.01
N LYS A 72 -4.31 15.11 17.06
CA LYS A 72 -4.98 16.11 17.89
C LYS A 72 -4.21 16.48 19.16
N SER A 73 -3.28 15.65 19.61
CA SER A 73 -2.38 15.95 20.71
C SER A 73 -1.25 14.95 20.65
N PRO A 74 -0.19 15.18 21.40
CA PRO A 74 0.98 14.31 21.27
C PRO A 74 0.63 12.83 21.40
N GLY A 75 1.02 12.07 20.37
CA GLY A 75 0.80 10.65 20.43
C GLY A 75 -0.61 10.20 20.24
N ARG A 76 -1.55 11.08 19.81
CA ARG A 76 -2.95 10.71 19.69
C ARG A 76 -3.49 11.09 18.31
N VAL A 77 -3.87 10.09 17.52
CA VAL A 77 -4.47 10.38 16.23
C VAL A 77 -5.90 10.80 16.49
N ASN A 78 -6.40 11.75 15.69
CA ASN A 78 -7.80 12.19 15.76
C ASN A 78 -8.67 11.17 15.03
N ILE A 79 -8.99 10.09 15.72
CA ILE A 79 -9.76 9.01 15.13
C ILE A 79 -11.24 9.36 15.16
N ILE A 80 -11.91 9.20 14.01
CA ILE A 80 -13.36 9.38 13.93
C ILE A 80 -14.04 8.11 14.43
N GLU A 81 -14.70 8.18 15.59
CA GLU A 81 -15.48 7.06 16.08
C GLU A 81 -16.88 7.15 15.47
N TYR A 82 -17.20 6.21 14.57
CA TYR A 82 -18.45 6.23 13.81
C TYR A 82 -19.38 5.12 14.27
N LYS A 83 -20.56 5.51 14.77
CA LYS A 83 -21.61 4.58 15.14
C LYS A 83 -22.50 4.31 13.93
N ALA A 84 -22.58 3.06 13.49
CA ALA A 84 -23.27 2.81 12.23
C ALA A 84 -24.79 2.71 12.41
N LYS A 85 -25.49 2.82 11.28
CA LYS A 85 -26.94 2.74 11.29
C LYS A 85 -27.44 1.34 11.61
N ASN A 86 -26.65 0.30 11.28
CA ASN A 86 -27.08 -1.10 11.41
C ASN A 86 -26.17 -1.90 12.34
N PRO A 87 -26.59 -3.08 12.75
CA PRO A 87 -25.75 -3.91 13.62
C PRO A 87 -24.57 -4.48 12.87
N ALA A 88 -23.59 -4.98 13.62
CA ALA A 88 -22.37 -5.47 13.00
C ALA A 88 -22.69 -6.43 11.87
N ALA A 89 -23.69 -7.31 12.05
CA ALA A 89 -24.00 -8.35 11.06
C ALA A 89 -24.23 -7.78 9.66
N HIS A 90 -24.56 -6.50 9.53
CA HIS A 90 -24.80 -5.89 8.24
C HIS A 90 -23.52 -5.53 7.47
N TYR A 91 -22.36 -5.59 8.10
CA TYR A 91 -21.09 -5.24 7.44
C TYR A 91 -20.05 -6.34 7.64
N PRO A 92 -20.27 -7.52 7.09
CA PRO A 92 -19.32 -8.61 7.29
C PRO A 92 -18.19 -8.59 6.27
N TYR A 93 -17.20 -9.45 6.53
CA TYR A 93 -16.09 -9.60 5.58
C TYR A 93 -16.62 -9.91 4.18
N GLU A 94 -17.60 -10.82 4.07
CA GLU A 94 -18.11 -11.32 2.80
C GLU A 94 -19.24 -10.43 2.29
N ASN A 95 -19.66 -10.68 1.04
CA ASN A 95 -20.95 -10.18 0.54
C ASN A 95 -21.08 -8.65 0.57
N GLY A 96 -20.02 -7.93 0.21
CA GLY A 96 -20.09 -6.47 0.13
C GLY A 96 -20.28 -5.72 1.45
N GLY A 97 -19.94 -6.35 2.57
CA GLY A 97 -19.88 -5.61 3.83
C GLY A 97 -19.02 -4.37 3.75
N GLY A 98 -17.87 -4.46 3.08
CA GLY A 98 -17.01 -3.30 3.00
C GLY A 98 -17.59 -2.19 2.16
N TRP A 99 -18.27 -2.53 1.07
CA TRP A 99 -18.90 -1.47 0.28
C TRP A 99 -20.01 -0.79 1.08
N LYS A 100 -20.77 -1.55 1.85
CA LYS A 100 -21.83 -0.94 2.64
C LYS A 100 -21.26 0.06 3.64
N ALA A 101 -20.28 -0.37 4.44
CA ALA A 101 -19.64 0.55 5.38
C ALA A 101 -19.09 1.78 4.65
N ALA A 102 -18.42 1.57 3.52
CA ALA A 102 -17.78 2.71 2.88
C ALA A 102 -18.81 3.65 2.29
N GLN A 103 -19.90 3.13 1.74
CA GLN A 103 -20.93 4.04 1.24
C GLN A 103 -21.55 4.85 2.39
N GLU A 104 -21.83 4.19 3.51
CA GLU A 104 -22.35 4.88 4.69
C GLU A 104 -21.39 5.96 5.17
N LEU A 105 -20.09 5.69 5.14
CA LEU A 105 -19.17 6.74 5.60
C LEU A 105 -19.14 7.93 4.65
N ASP A 106 -19.34 7.69 3.35
CA ASP A 106 -19.52 8.81 2.43
C ASP A 106 -20.66 9.72 2.86
N GLU A 107 -21.79 9.15 3.26
CA GLU A 107 -22.86 10.00 3.75
C GLU A 107 -22.35 10.82 4.94
N PHE A 108 -21.71 10.13 5.90
CA PHE A 108 -21.15 10.82 7.06
C PHE A 108 -20.15 11.90 6.66
N PHE A 109 -19.36 11.67 5.60
CA PHE A 109 -18.39 12.72 5.27
C PHE A 109 -19.04 13.87 4.52
N LYS A 110 -20.09 13.60 3.74
CA LYS A 110 -20.86 14.69 3.13
C LYS A 110 -21.53 15.55 4.21
N ALA A 111 -22.02 14.91 5.28
CA ALA A 111 -22.67 15.59 6.39
C ALA A 111 -21.69 16.21 7.39
N HIS A 112 -20.38 16.04 7.21
CA HIS A 112 -19.35 16.48 8.16
C HIS A 112 -18.04 16.78 7.43
N PRO A 113 -18.08 17.58 6.34
CA PRO A 113 -16.87 17.77 5.50
C PRO A 113 -15.63 18.22 6.23
N ASP A 114 -15.80 18.76 7.44
CA ASP A 114 -14.67 19.19 8.23
C ASP A 114 -13.84 18.00 8.71
N ARG A 115 -14.44 16.83 8.78
CA ARG A 115 -13.73 15.63 9.28
C ARG A 115 -12.97 14.92 8.16
N LYS A 116 -13.11 15.33 6.90
CA LYS A 116 -12.43 14.65 5.80
C LYS A 116 -11.20 15.43 5.36
N LYS A 117 -10.05 14.78 5.47
CA LYS A 117 -8.78 15.44 5.23
C LYS A 117 -8.09 14.95 3.97
N SER A 118 -8.71 14.01 3.26
CA SER A 118 -8.21 13.46 2.01
C SER A 118 -9.25 12.50 1.48
N GLN A 119 -9.00 11.92 0.30
CA GLN A 119 -9.86 10.89 -0.27
C GLN A 119 -9.50 9.47 0.21
N HIS A 120 -8.54 9.31 1.13
CA HIS A 120 -8.10 7.99 1.59
C HIS A 120 -8.55 7.78 3.03
N THR A 121 -9.16 6.65 3.29
CA THR A 121 -9.61 6.31 4.62
C THR A 121 -9.23 4.87 4.99
N LEU A 122 -8.75 4.70 6.20
CA LEU A 122 -8.57 3.40 6.82
C LEU A 122 -9.69 3.22 7.84
N ILE A 123 -10.59 2.26 7.54
CA ILE A 123 -11.70 1.90 8.41
C ILE A 123 -11.29 0.69 9.22
N ILE A 124 -11.43 0.78 10.53
CA ILE A 124 -11.05 -0.27 11.47
C ILE A 124 -12.28 -0.72 12.25
N MET A 125 -12.55 -2.04 12.25
CA MET A 125 -13.69 -2.56 12.99
C MET A 125 -13.25 -3.52 14.09
N PRO A 126 -13.88 -3.48 15.27
CA PRO A 126 -13.56 -4.50 16.27
C PRO A 126 -13.93 -5.88 15.76
N THR A 127 -13.09 -6.85 16.12
CA THR A 127 -13.34 -8.26 15.83
C THR A 127 -14.72 -8.71 16.29
N TRP A 128 -15.35 -9.55 15.47
CA TRP A 128 -16.51 -10.29 15.96
C TRP A 128 -16.10 -11.20 17.10
N ASN A 129 -17.08 -11.53 17.95
CA ASN A 129 -16.92 -12.46 19.07
C ASN A 129 -18.03 -13.49 18.98
N ASP A 130 -17.74 -14.64 18.36
CA ASP A 130 -18.75 -15.67 18.19
C ASP A 130 -18.12 -17.04 18.33
N GLU A 131 -18.68 -18.05 17.67
CA GLU A 131 -18.06 -19.36 17.82
C GLU A 131 -16.83 -19.52 16.96
N LYS A 132 -16.64 -18.66 15.96
CA LYS A 132 -15.47 -18.72 15.10
C LYS A 132 -14.38 -17.75 15.55
N ASN A 133 -14.74 -16.47 15.73
CA ASN A 133 -13.82 -15.40 15.97
C ASN A 133 -13.95 -14.83 17.37
N GLY A 134 -12.85 -14.24 17.83
CA GLY A 134 -12.79 -13.65 19.15
C GLY A 134 -11.42 -13.07 19.43
N PRO A 135 -11.16 -12.72 20.70
CA PRO A 135 -9.89 -12.07 21.03
C PRO A 135 -8.65 -12.83 20.65
N ASP A 136 -8.71 -14.15 20.60
CA ASP A 136 -7.53 -14.95 20.30
C ASP A 136 -7.47 -15.34 18.84
N ASN A 137 -8.54 -15.08 18.09
CA ASN A 137 -8.64 -15.46 16.68
C ASN A 137 -9.57 -14.47 16.02
N PRO A 138 -9.10 -13.23 15.85
CA PRO A 138 -9.94 -12.14 15.31
C PRO A 138 -10.39 -12.41 13.88
N GLY A 139 -11.52 -11.82 13.53
CA GLY A 139 -12.00 -11.89 12.17
C GLY A 139 -13.47 -11.51 12.11
N GLY A 140 -14.05 -11.70 10.92
CA GLY A 140 -15.45 -11.45 10.70
C GLY A 140 -15.72 -10.17 9.95
N VAL A 141 -14.76 -9.25 9.92
CA VAL A 141 -15.04 -7.94 9.36
C VAL A 141 -14.31 -7.73 8.04
N PRO A 142 -14.68 -6.71 7.28
CA PRO A 142 -13.93 -6.38 6.06
C PRO A 142 -12.44 -6.29 6.37
N PHE A 143 -11.63 -6.76 5.42
CA PHE A 143 -10.19 -6.76 5.61
C PHE A 143 -9.55 -6.86 4.24
N TYR A 144 -9.40 -5.73 3.57
CA TYR A 144 -8.97 -5.69 2.18
C TYR A 144 -8.89 -4.22 1.79
N GLY A 145 -8.19 -3.97 0.70
CA GLY A 145 -8.26 -2.67 0.07
C GLY A 145 -9.49 -2.54 -0.80
N MET A 146 -10.03 -1.30 -0.84
CA MET A 146 -11.20 -0.98 -1.65
C MET A 146 -11.04 0.43 -2.21
N GLY A 147 -10.44 0.53 -3.39
CA GLY A 147 -10.19 1.84 -3.93
C GLY A 147 -9.23 2.59 -3.03
N ARG A 148 -9.51 3.85 -2.79
CA ARG A 148 -8.68 4.65 -1.88
C ARG A 148 -8.98 4.35 -0.42
N ASN A 149 -9.94 3.47 -0.12
CA ASN A 149 -10.23 3.04 1.23
C ASN A 149 -9.61 1.68 1.54
N CYS A 150 -9.45 1.37 2.82
CA CYS A 150 -9.03 0.04 3.17
C CYS A 150 -9.59 -0.28 4.53
N PHE A 151 -9.72 -1.57 4.82
CA PHE A 151 -10.36 -2.06 6.05
C PHE A 151 -9.39 -2.93 6.83
N ALA A 152 -9.40 -2.78 8.16
CA ALA A 152 -8.60 -3.61 9.06
C ALA A 152 -9.38 -3.82 10.35
N LEU A 153 -8.76 -4.45 11.35
CA LEU A 153 -9.56 -4.77 12.51
C LEU A 153 -8.80 -4.47 13.79
N ASP A 154 -9.54 -4.54 14.89
CA ASP A 154 -9.04 -4.30 16.24
C ASP A 154 -9.44 -5.46 17.14
N TYR A 155 -8.64 -5.74 18.13
CA TYR A 155 -8.93 -6.76 19.11
C TYR A 155 -8.11 -6.43 20.33
N PRO A 156 -8.39 -7.06 21.49
CA PRO A 156 -7.77 -6.56 22.75
C PRO A 156 -6.26 -6.59 22.79
N ALA A 157 -5.60 -7.58 22.21
CA ALA A 157 -4.16 -7.60 22.26
C ALA A 157 -3.50 -6.90 21.07
N PHE A 158 -4.26 -6.09 20.34
CA PHE A 158 -3.74 -5.34 19.22
C PHE A 158 -3.02 -4.12 19.79
N ASP A 159 -1.78 -4.35 20.25
CA ASP A 159 -1.02 -3.41 21.07
C ASP A 159 0.45 -3.54 20.71
N ILE A 160 1.08 -2.40 20.40
CA ILE A 160 2.45 -2.44 19.90
C ILE A 160 3.45 -2.98 20.93
N LYS A 161 3.09 -3.03 22.22
CA LYS A 161 4.03 -3.57 23.19
C LYS A 161 4.42 -5.03 22.89
N HIS A 162 3.64 -5.74 22.07
CA HIS A 162 3.89 -7.12 21.69
C HIS A 162 4.76 -7.21 20.42
N LEU A 163 5.14 -6.06 19.82
CA LEU A 163 5.80 -6.06 18.52
C LEU A 163 7.08 -6.91 18.59
N GLY A 164 7.18 -7.95 17.75
CA GLY A 164 8.39 -8.76 17.71
C GLY A 164 8.56 -9.74 18.87
N GLN A 165 7.65 -9.79 19.85
CA GLN A 165 7.87 -10.70 20.97
C GLN A 165 7.60 -12.13 20.53
N LYS A 166 8.40 -13.08 21.03
CA LYS A 166 8.23 -14.48 20.62
C LYS A 166 7.18 -15.15 21.53
N THR A 167 5.95 -14.66 21.44
CA THR A 167 4.83 -15.11 22.26
C THR A 167 3.65 -15.17 21.32
N ARG A 168 2.55 -15.79 21.78
CA ARG A 168 1.35 -15.84 20.93
C ARG A 168 0.81 -14.44 20.62
N GLU A 169 0.85 -13.51 21.58
CA GLU A 169 0.40 -12.16 21.30
C GLU A 169 1.27 -11.48 20.24
N GLY A 170 2.59 -11.70 20.29
CA GLY A 170 3.46 -11.08 19.31
C GLY A 170 3.23 -11.63 17.91
N ARG A 171 3.06 -12.95 17.79
CA ARG A 171 2.78 -13.58 16.50
C ARG A 171 1.41 -13.14 15.98
N LEU A 172 0.40 -13.09 16.85
CA LEU A 172 -0.88 -12.53 16.45
CA LEU A 172 -0.88 -12.52 16.44
C LEU A 172 -0.72 -11.08 15.98
N LEU A 173 0.09 -10.27 16.67
CA LEU A 173 0.30 -8.90 16.25
C LEU A 173 0.94 -8.82 14.85
N THR A 174 2.00 -9.59 14.61
CA THR A 174 2.60 -9.52 13.27
C THR A 174 1.63 -9.89 12.18
N LYS A 175 0.75 -10.87 12.45
CA LYS A 175 -0.26 -11.26 11.49
C LYS A 175 -1.22 -10.12 11.18
N TRP A 176 -1.80 -9.51 12.22
CA TRP A 176 -2.89 -8.55 12.02
C TRP A 176 -2.38 -7.13 11.83
N TYR A 177 -1.18 -6.84 12.32
CA TYR A 177 -0.54 -5.55 12.08
C TYR A 177 0.09 -5.54 10.70
N GLY A 178 0.83 -6.61 10.37
CA GLY A 178 1.23 -6.79 8.98
C GLY A 178 0.04 -6.75 8.05
N GLY A 179 -1.07 -7.38 8.46
CA GLY A 179 -2.27 -7.32 7.67
C GLY A 179 -2.74 -5.91 7.47
N MET A 180 -2.84 -5.14 8.56
CA MET A 180 -3.25 -3.75 8.42
C MET A 180 -2.27 -2.99 7.51
N ALA A 181 -0.96 -3.20 7.70
CA ALA A 181 0.04 -2.52 6.90
C ALA A 181 -0.14 -2.79 5.40
N HIS A 182 -0.40 -4.04 5.04
CA HIS A 182 -0.56 -4.44 3.64
C HIS A 182 -1.83 -3.86 3.04
N GLU A 183 -2.95 -3.93 3.78
CA GLU A 183 -4.20 -3.39 3.25
C GLU A 183 -4.11 -1.87 3.14
N LEU A 184 -3.44 -1.23 4.10
CA LEU A 184 -3.20 0.20 4.00
C LEU A 184 -2.40 0.50 2.73
N GLY A 185 -1.45 -0.37 2.40
CA GLY A 185 -0.67 -0.16 1.18
C GLY A 185 -1.57 -0.08 -0.03
N HIS A 186 -2.53 -1.02 -0.14
CA HIS A 186 -3.54 -0.98 -1.19
C HIS A 186 -4.35 0.32 -1.18
N GLY A 187 -4.84 0.73 0.01
CA GLY A 187 -5.58 1.98 0.09
C GLY A 187 -4.81 3.20 -0.39
N LEU A 188 -3.50 3.17 -0.26
CA LEU A 188 -2.56 4.20 -0.67
C LEU A 188 -2.11 4.07 -2.12
N ASN A 189 -2.87 3.33 -2.96
CA ASN A 189 -2.60 3.07 -4.41
C ASN A 189 -1.36 2.19 -4.62
N LEU A 190 -1.06 1.14 -3.67
CA LEU A 190 0.02 0.15 -3.94
C LEU A 190 -0.51 -1.16 -4.56
N PRO A 191 0.02 -1.70 -5.65
CA PRO A 191 -0.31 -3.08 -6.06
C PRO A 191 0.58 -4.07 -5.31
N HIS A 192 0.35 -5.37 -5.56
CA HIS A 192 1.30 -6.37 -5.09
C HIS A 192 2.64 -6.32 -5.85
N ASN A 193 3.72 -6.64 -5.14
CA ASN A 193 5.05 -6.75 -5.79
C ASN A 193 5.97 -7.59 -4.91
N HIS A 194 6.99 -8.13 -5.54
CA HIS A 194 7.93 -9.02 -4.89
C HIS A 194 9.31 -8.36 -4.90
N GLN A 195 10.07 -8.61 -3.85
CA GLN A 195 11.41 -8.06 -3.80
C GLN A 195 12.29 -8.66 -4.89
N THR A 196 13.27 -7.85 -5.32
CA THR A 196 14.33 -8.37 -6.17
C THR A 196 15.21 -9.30 -5.35
N ALA A 197 16.07 -10.06 -6.03
CA ALA A 197 16.99 -10.93 -5.30
C ALA A 197 17.92 -10.15 -4.37
N SER A 198 18.55 -9.09 -4.86
CA SER A 198 19.49 -8.35 -4.01
CA SER A 198 19.49 -8.34 -4.02
C SER A 198 18.75 -7.62 -2.88
N ASP A 199 17.61 -7.01 -3.18
CA ASP A 199 16.86 -6.37 -2.11
C ASP A 199 16.41 -7.39 -1.07
N GLY A 200 16.04 -8.61 -1.49
CA GLY A 200 15.68 -9.62 -0.51
C GLY A 200 16.81 -9.89 0.47
N LYS A 201 18.05 -9.97 -0.02
CA LYS A 201 19.15 -10.25 0.89
C LYS A 201 19.46 -9.06 1.76
N LYS A 202 19.25 -7.84 1.25
CA LYS A 202 19.59 -6.67 2.05
C LYS A 202 18.44 -6.31 3.01
N TYR A 203 17.19 -6.32 2.56
CA TYR A 203 16.13 -5.65 3.31
C TYR A 203 14.97 -6.57 3.69
N GLY A 204 14.90 -7.79 3.16
CA GLY A 204 13.92 -8.74 3.63
C GLY A 204 12.78 -8.89 2.65
N THR A 205 11.56 -8.75 3.17
CA THR A 205 10.35 -9.08 2.46
C THR A 205 9.63 -7.79 2.09
N ALA A 206 9.25 -7.68 0.81
CA ALA A 206 8.49 -6.52 0.34
C ALA A 206 7.18 -6.51 1.12
N LEU A 207 6.79 -5.32 1.58
CA LEU A 207 5.57 -5.24 2.36
C LEU A 207 4.38 -5.69 1.52
N MET A 208 4.32 -5.27 0.24
CA MET A 208 3.21 -5.57 -0.64
C MET A 208 3.30 -6.97 -1.32
N GLY A 209 4.26 -7.79 -0.94
CA GLY A 209 4.34 -9.19 -1.33
C GLY A 209 3.84 -10.08 -0.19
N SER A 210 4.78 -10.67 0.55
CA SER A 210 4.46 -11.51 1.70
C SER A 210 4.71 -10.80 3.03
N GLY A 211 4.92 -9.48 3.00
CA GLY A 211 5.33 -8.77 4.18
C GLY A 211 4.25 -8.70 5.22
N ASN A 212 2.99 -9.01 4.88
CA ASN A 212 2.01 -9.04 5.95
C ASN A 212 2.25 -10.21 6.88
N TYR A 213 3.07 -11.18 6.47
CA TYR A 213 3.42 -12.24 7.39
C TYR A 213 4.68 -11.93 8.21
N THR A 214 5.47 -10.92 7.80
CA THR A 214 6.75 -10.67 8.45
C THR A 214 6.83 -9.40 9.29
N PHE A 215 5.96 -8.41 9.04
CA PHE A 215 6.05 -7.08 9.65
C PHE A 215 6.22 -7.19 11.16
N GLY A 216 7.30 -6.58 11.70
CA GLY A 216 7.56 -6.57 13.11
C GLY A 216 8.29 -7.78 13.64
N THR A 217 8.43 -8.85 12.86
CA THR A 217 9.18 -10.03 13.27
C THR A 217 10.48 -10.27 12.51
N SER A 218 10.49 -10.15 11.19
CA SER A 218 11.72 -10.20 10.41
C SER A 218 11.69 -9.04 9.43
N PRO A 219 12.84 -8.73 8.81
CA PRO A 219 12.92 -7.46 8.04
C PRO A 219 11.88 -7.40 6.93
N THR A 220 11.16 -6.28 6.90
CA THR A 220 10.13 -5.97 5.92
C THR A 220 10.41 -4.58 5.36
N PHE A 221 10.07 -4.36 4.08
CA PHE A 221 10.44 -3.07 3.49
C PHE A 221 9.48 -2.73 2.35
N LEU A 222 9.65 -1.54 1.78
CA LEU A 222 8.88 -1.07 0.63
C LEU A 222 9.82 -1.00 -0.58
N THR A 223 9.38 -1.55 -1.68
CA THR A 223 10.21 -1.58 -2.88
C THR A 223 10.35 -0.18 -3.47
N PRO A 224 11.36 0.03 -4.33
CA PRO A 224 11.39 1.29 -5.11
C PRO A 224 10.09 1.59 -5.84
N ALA A 225 9.46 0.58 -6.44
CA ALA A 225 8.22 0.84 -7.17
C ALA A 225 7.09 1.22 -6.19
N SER A 226 7.02 0.55 -5.06
CA SER A 226 6.04 0.97 -4.07
C SER A 226 6.26 2.41 -3.68
N CYS A 227 7.50 2.78 -3.37
CA CYS A 227 7.74 4.16 -2.96
C CYS A 227 7.45 5.15 -4.08
N ALA A 228 7.70 4.77 -5.35
CA ALA A 228 7.36 5.66 -6.46
C ALA A 228 5.87 5.91 -6.55
N LEU A 229 5.05 4.91 -6.22
CA LEU A 229 3.61 5.14 -6.18
C LEU A 229 3.23 6.00 -4.98
N LEU A 230 3.85 5.74 -3.82
CA LEU A 230 3.56 6.58 -2.68
C LEU A 230 4.00 8.01 -2.99
N ASP A 231 5.10 8.16 -3.72
CA ASP A 231 5.51 9.50 -4.05
C ASP A 231 4.38 10.26 -4.71
N ALA A 232 3.50 9.56 -5.45
CA ALA A 232 2.39 10.16 -6.17
C ALA A 232 1.04 9.90 -5.49
N CYS A 233 1.03 9.72 -4.19
CA CYS A 233 -0.20 9.42 -3.50
C CYS A 233 -0.65 10.65 -2.72
N GLU A 234 -1.96 10.89 -2.72
CA GLU A 234 -2.50 12.14 -2.22
C GLU A 234 -1.99 12.46 -0.82
N VAL A 235 -2.00 11.47 0.09
CA VAL A 235 -1.70 11.75 1.49
C VAL A 235 -0.22 11.84 1.77
N PHE A 236 0.65 11.68 0.76
CA PHE A 236 2.06 11.97 0.89
C PHE A 236 2.43 13.34 0.30
N SER A 237 1.44 14.14 -0.07
CA SER A 237 1.71 15.39 -0.76
C SER A 237 2.21 16.46 0.21
N VAL A 238 3.31 17.10 -0.17
CA VAL A 238 3.82 18.33 0.43
C VAL A 238 3.58 19.51 -0.51
N THR A 239 2.71 19.33 -1.49
CA THR A 239 2.43 20.29 -2.57
C THR A 239 0.95 20.62 -2.61
N PRO A 240 0.48 21.60 -1.83
CA PRO A 240 -0.98 21.79 -1.75
C PRO A 240 -1.64 22.19 -3.04
N SER A 241 -0.93 22.77 -4.01
CA SER A 241 -1.52 23.08 -5.31
C SER A 241 -1.92 21.85 -6.12
N GLN A 242 -1.33 20.69 -5.82
CA GLN A 242 -1.56 19.48 -6.60
C GLN A 242 -2.88 18.87 -6.18
N GLN A 243 -3.79 18.68 -7.15
CA GLN A 243 -5.04 17.94 -6.97
C GLN A 243 -4.86 16.51 -7.48
N PHE A 244 -5.60 15.55 -6.89
CA PHE A 244 -5.32 14.14 -7.07
C PHE A 244 -6.53 13.41 -7.63
N TYR A 245 -6.27 12.49 -8.57
CA TYR A 245 -7.20 11.47 -9.02
C TYR A 245 -8.32 12.00 -9.91
N GLU A 246 -8.26 13.25 -10.33
CA GLU A 246 -9.29 13.80 -11.19
C GLU A 246 -8.96 13.47 -12.66
N GLY A 247 -9.99 13.15 -13.41
CA GLY A 247 -9.82 12.96 -14.84
C GLY A 247 -9.40 11.57 -15.20
N LYS A 248 -8.51 11.44 -16.17
CA LYS A 248 -8.08 10.11 -16.57
C LYS A 248 -6.60 10.10 -16.86
N PRO A 249 -5.96 8.95 -16.78
CA PRO A 249 -4.52 8.91 -17.07
C PRO A 249 -4.38 9.11 -18.58
N GLU A 250 -3.68 10.15 -18.97
CA GLU A 250 -3.47 10.39 -20.38
C GLU A 250 -1.99 10.37 -20.62
N VAL A 251 -1.53 9.30 -21.23
CA VAL A 251 -0.12 9.14 -21.54
C VAL A 251 -0.06 8.46 -22.89
N GLU A 252 0.69 9.04 -23.81
CA GLU A 252 1.01 8.39 -25.07
C GLU A 252 2.37 7.78 -24.89
N VAL A 253 2.48 6.48 -25.15
CA VAL A 253 3.74 5.77 -25.05
C VAL A 253 4.05 5.28 -26.46
N GLY A 254 5.22 5.62 -26.96
CA GLY A 254 5.56 5.25 -28.32
C GLY A 254 6.99 4.76 -28.39
N ASP A 255 7.29 4.09 -29.50
CA ASP A 255 8.63 3.62 -29.79
C ASP A 255 9.13 2.66 -28.71
N VAL A 256 8.21 1.88 -28.18
CA VAL A 256 8.54 0.93 -27.15
C VAL A 256 9.43 -0.16 -27.74
N ALA A 257 10.56 -0.40 -27.11
CA ALA A 257 11.39 -1.55 -27.41
C ALA A 257 11.69 -2.32 -26.15
N ILE A 258 11.54 -3.66 -26.22
CA ILE A 258 12.01 -4.55 -25.17
C ILE A 258 12.88 -5.60 -25.84
N SER A 259 14.16 -5.63 -25.48
CA SER A 259 15.09 -6.58 -26.09
C SER A 259 15.84 -7.32 -24.99
N PHE A 260 16.29 -8.54 -25.33
CA PHE A 260 16.98 -9.43 -24.41
C PHE A 260 18.41 -9.69 -24.87
N LYS A 261 19.38 -9.32 -24.03
CA LYS A 261 20.79 -9.45 -24.36
C LYS A 261 21.56 -10.08 -23.21
N GLY A 262 21.99 -11.31 -23.38
CA GLY A 262 22.62 -12.02 -22.29
C GLY A 262 21.69 -12.05 -21.11
N ASP A 263 22.19 -11.64 -19.96
CA ASP A 263 21.40 -11.57 -18.73
C ASP A 263 20.53 -10.32 -18.63
N GLN A 264 20.55 -9.42 -19.61
CA GLN A 264 19.92 -8.14 -19.45
C GLN A 264 18.60 -8.00 -20.22
N ILE A 265 17.69 -7.24 -19.63
CA ILE A 265 16.42 -6.90 -20.26
C ILE A 265 16.45 -5.39 -20.48
N LEU A 266 16.41 -4.98 -21.76
CA LEU A 266 16.50 -3.58 -22.14
C LEU A 266 15.10 -3.04 -22.46
N VAL A 267 14.70 -1.97 -21.76
CA VAL A 267 13.37 -1.37 -21.91
C VAL A 267 13.55 0.11 -22.23
N SER A 268 12.92 0.55 -23.30
CA SER A 268 13.06 1.95 -23.70
C SER A 268 11.83 2.38 -24.48
N GLY A 269 11.68 3.68 -24.61
CA GLY A 269 10.55 4.25 -25.32
C GLY A 269 10.48 5.75 -25.07
N ASN A 270 9.37 6.34 -25.49
CA ASN A 270 9.06 7.74 -25.30
CA ASN A 270 9.09 7.72 -25.17
C ASN A 270 7.68 7.85 -24.65
N TYR A 271 7.45 8.94 -23.95
CA TYR A 271 6.16 9.18 -23.33
C TYR A 271 5.81 10.64 -23.51
N LYS A 272 4.51 10.92 -23.51
CA LYS A 272 4.03 12.28 -23.56
C LYS A 272 2.70 12.37 -22.82
N SER A 273 2.59 13.36 -21.93
CA SER A 273 1.36 13.53 -21.16
C SER A 273 1.11 15.00 -20.93
N PRO A 274 -0.15 15.41 -20.78
CA PRO A 274 -0.39 16.80 -20.33
C PRO A 274 0.07 17.04 -18.88
N GLN A 275 0.12 16.00 -18.04
CA GLN A 275 0.65 16.04 -16.67
C GLN A 275 2.12 15.67 -16.69
N THR A 276 2.86 16.13 -15.68
CA THR A 276 4.18 15.55 -15.41
C THR A 276 4.04 14.04 -15.17
N VAL A 277 4.95 13.26 -15.77
CA VAL A 277 5.03 11.82 -15.53
C VAL A 277 6.14 11.63 -14.52
N LYS A 278 5.77 11.22 -13.30
CA LYS A 278 6.73 11.14 -12.20
C LYS A 278 7.71 10.02 -12.41
N ALA A 279 7.23 8.85 -12.85
CA ALA A 279 8.10 7.69 -12.80
C ALA A 279 7.55 6.57 -13.68
N LEU A 280 8.44 5.61 -13.94
CA LEU A 280 8.09 4.38 -14.61
C LEU A 280 8.36 3.21 -13.67
N ASN A 281 7.34 2.45 -13.40
CA ASN A 281 7.47 1.17 -12.74
C ASN A 281 7.38 0.05 -13.77
N VAL A 282 8.21 -0.97 -13.61
CA VAL A 282 8.18 -2.17 -14.43
C VAL A 282 7.91 -3.39 -13.56
N TYR A 283 6.94 -4.21 -13.96
CA TYR A 283 6.60 -5.44 -13.23
C TYR A 283 6.86 -6.62 -14.16
N ILE A 284 7.58 -7.62 -13.67
CA ILE A 284 7.82 -8.83 -14.43
C ILE A 284 7.29 -9.97 -13.59
N GLN A 285 6.38 -10.77 -14.17
CA GLN A 285 5.73 -11.82 -13.41
C GLN A 285 5.41 -13.03 -14.28
N ASP A 286 5.26 -14.18 -13.61
CA ASP A 286 4.76 -15.40 -14.18
C ASP A 286 3.25 -15.30 -14.30
N PRO A 287 2.63 -16.06 -15.19
CA PRO A 287 1.19 -16.22 -15.16
C PRO A 287 0.78 -17.01 -13.94
N PRO A 288 -0.52 -17.01 -13.59
CA PRO A 288 -1.55 -16.18 -14.22
C PRO A 288 -1.46 -14.76 -13.71
N TYR A 289 -2.27 -13.83 -14.24
CA TYR A 289 -2.00 -12.40 -14.07
C TYR A 289 -3.08 -11.63 -13.32
N ALA A 290 -4.08 -12.31 -12.73
CA ALA A 290 -5.15 -11.69 -11.95
C ALA A 290 -4.65 -10.96 -10.70
N VAL A 291 -5.55 -10.15 -10.14
CA VAL A 291 -5.20 -9.21 -9.07
C VAL A 291 -4.85 -9.85 -7.73
N ASN A 292 -5.11 -11.15 -7.52
CA ASN A 292 -4.62 -11.83 -6.32
C ASN A 292 -3.71 -12.98 -6.68
N GLN A 293 -3.16 -12.94 -7.90
CA GLN A 293 -2.15 -13.89 -8.38
C GLN A 293 -0.83 -13.22 -8.76
N ASP A 294 -0.58 -12.00 -8.29
CA ASP A 294 0.58 -11.22 -8.70
C ASP A 294 1.53 -10.91 -7.54
N TYR A 295 1.44 -11.67 -6.44
CA TYR A 295 2.46 -11.57 -5.39
C TYR A 295 3.84 -11.82 -5.93
N ASP A 296 3.93 -12.50 -7.07
CA ASP A 296 5.24 -12.82 -7.63
C ASP A 296 5.79 -11.74 -8.55
N ALA A 297 5.08 -10.66 -8.82
CA ALA A 297 5.58 -9.69 -9.79
C ALA A 297 6.76 -8.92 -9.20
N VAL A 298 7.96 -9.15 -9.72
CA VAL A 298 9.16 -8.44 -9.28
C VAL A 298 9.21 -7.06 -9.92
N SER A 299 9.38 -6.01 -9.11
CA SER A 299 9.20 -4.68 -9.65
C SER A 299 10.52 -3.92 -9.65
N PHE A 300 10.55 -2.91 -10.51
CA PHE A 300 11.67 -2.00 -10.72
C PHE A 300 11.07 -0.61 -10.97
N SER A 301 11.88 0.42 -10.74
CA SER A 301 11.39 1.79 -10.89
C SER A 301 12.49 2.73 -11.39
N ARG A 302 12.06 3.74 -12.16
CA ARG A 302 12.91 4.83 -12.66
C ARG A 302 12.16 6.14 -12.57
N ARG A 303 12.87 7.17 -12.12
CA ARG A 303 12.44 8.58 -11.97
C ARG A 303 12.30 9.25 -13.34
N LEU A 304 11.17 9.81 -13.71
CA LEU A 304 11.09 10.53 -14.98
C LEU A 304 11.07 12.00 -14.67
N GLY A 305 9.91 12.52 -14.34
CA GLY A 305 9.85 13.86 -13.85
C GLY A 305 9.66 14.92 -14.89
N LYS A 306 9.09 14.56 -16.04
CA LYS A 306 8.89 15.51 -17.10
C LYS A 306 7.52 15.23 -17.67
N LYS A 307 6.97 16.20 -18.39
CA LYS A 307 5.73 15.95 -19.12
C LYS A 307 5.96 15.13 -20.39
N SER A 308 7.20 15.10 -20.92
CA SER A 308 7.50 14.25 -22.07
C SER A 308 8.99 14.02 -22.14
N GLY A 309 9.38 12.90 -22.76
CA GLY A 309 10.78 12.55 -22.80
C GLY A 309 10.96 11.11 -23.25
N LYS A 310 12.19 10.59 -23.06
CA LYS A 310 12.52 9.20 -23.32
C LYS A 310 12.77 8.45 -22.01
N PHE A 311 12.52 7.14 -22.00
CA PHE A 311 12.95 6.32 -20.87
C PHE A 311 13.76 5.15 -21.37
N SER A 312 14.69 4.72 -20.55
CA SER A 312 15.61 3.67 -20.90
C SER A 312 15.91 2.95 -19.59
N MET A 313 16.04 1.63 -19.64
CA MET A 313 16.25 0.91 -18.40
C MET A 313 16.81 -0.47 -18.71
N LYS A 314 17.83 -0.87 -17.97
CA LYS A 314 18.34 -2.23 -18.04
C LYS A 314 17.95 -2.97 -16.78
N ILE A 315 17.29 -4.10 -16.92
CA ILE A 315 16.90 -4.93 -15.77
C ILE A 315 17.71 -6.22 -15.81
N ASP A 316 18.34 -6.60 -14.71
CA ASP A 316 19.10 -7.84 -14.68
C ASP A 316 18.16 -9.00 -14.37
N LYS A 317 18.18 -9.98 -15.28
CA LYS A 317 17.36 -11.20 -15.19
C LYS A 317 17.60 -11.97 -13.91
N LYS A 318 18.80 -11.90 -13.38
CA LYS A 318 19.13 -12.62 -12.16
C LYS A 318 18.45 -12.02 -10.93
N GLU A 319 17.86 -10.83 -11.05
CA GLU A 319 17.13 -10.24 -9.94
C GLU A 319 15.71 -10.73 -9.82
N LEU A 320 15.24 -11.51 -10.80
CA LEU A 320 13.83 -11.90 -10.89
C LEU A 320 13.57 -13.10 -9.98
N GLU A 321 13.81 -12.88 -8.69
CA GLU A 321 13.69 -13.94 -7.69
C GLU A 321 12.26 -14.52 -7.64
N GLY A 322 12.18 -15.84 -7.70
CA GLY A 322 10.93 -16.54 -7.58
C GLY A 322 10.27 -16.84 -8.92
N LEU A 323 10.55 -16.07 -9.98
CA LEU A 323 9.89 -16.39 -11.25
C LEU A 323 10.38 -17.77 -11.70
N ASN A 324 9.45 -18.64 -12.15
CA ASN A 324 9.93 -19.96 -12.56
C ASN A 324 9.14 -20.50 -13.73
N ASN A 325 8.46 -19.66 -14.48
CA ASN A 325 7.64 -20.09 -15.59
C ASN A 325 8.36 -19.76 -16.89
N ASN A 326 8.16 -20.65 -17.88
CA ASN A 326 8.66 -20.34 -19.21
C ASN A 326 7.99 -19.07 -19.74
N GLU A 327 6.72 -18.83 -19.39
CA GLU A 327 6.00 -17.66 -19.87
C GLU A 327 6.12 -16.54 -18.84
N PHE A 328 6.32 -15.30 -19.29
CA PHE A 328 6.38 -14.19 -18.32
C PHE A 328 5.85 -12.92 -18.97
N ARG A 329 5.41 -11.98 -18.15
N ARG A 329 5.43 -11.97 -18.15
CA ARG A 329 4.84 -10.74 -18.65
CA ARG A 329 4.83 -10.74 -18.66
C ARG A 329 5.61 -9.57 -18.06
C ARG A 329 5.57 -9.54 -18.06
N ILE A 330 5.91 -8.57 -18.91
CA ILE A 330 6.55 -7.33 -18.51
C ILE A 330 5.46 -6.26 -18.62
N SER A 331 5.20 -5.56 -17.53
CA SER A 331 4.24 -4.46 -17.53
C SER A 331 4.97 -3.16 -17.32
N LEU A 332 4.63 -2.15 -18.11
CA LEU A 332 5.21 -0.82 -18.01
C LEU A 332 4.15 0.11 -17.42
N MET A 333 4.44 0.69 -16.26
CA MET A 333 3.48 1.51 -15.55
C MET A 333 3.98 2.94 -15.44
N PHE A 334 3.21 3.86 -16.00
CA PHE A 334 3.54 5.28 -16.04
C PHE A 334 2.71 6.00 -14.98
N ILE A 335 3.39 6.62 -14.03
CA ILE A 335 2.77 7.20 -12.84
C ILE A 335 2.71 8.71 -13.04
N LEU A 336 1.51 9.27 -12.94
CA LEU A 336 1.33 10.69 -13.20
C LEU A 336 1.37 11.49 -11.89
N ALA A 337 1.57 12.81 -12.03
CA ALA A 337 1.73 13.68 -10.86
C ALA A 337 0.48 13.75 -9.99
N ASN A 338 -0.70 13.58 -10.57
CA ASN A 338 -1.96 13.59 -9.81
C ASN A 338 -2.33 12.21 -9.28
N GLY A 339 -1.41 11.27 -9.31
CA GLY A 339 -1.63 9.98 -8.70
C GLY A 339 -2.32 8.95 -9.57
N LEU A 340 -2.77 9.31 -10.76
CA LEU A 340 -3.29 8.33 -11.69
C LEU A 340 -2.14 7.68 -12.45
N HIS A 341 -2.40 6.51 -13.03
CA HIS A 341 -1.37 5.80 -13.80
C HIS A 341 -2.00 4.96 -14.90
N MET A 342 -1.17 4.64 -15.90
CA MET A 342 -1.57 3.75 -16.98
C MET A 342 -0.51 2.67 -17.19
N GLN A 343 -0.94 1.51 -17.71
CA GLN A 343 -0.09 0.34 -17.87
CA GLN A 343 -0.10 0.32 -17.86
C GLN A 343 -0.14 -0.19 -19.30
N LYS A 344 1.00 -0.70 -19.78
CA LYS A 344 1.00 -1.45 -21.04
C LYS A 344 1.70 -2.77 -20.68
N HIS A 345 1.25 -3.88 -21.27
CA HIS A 345 1.69 -5.22 -20.93
C HIS A 345 2.25 -5.95 -22.15
N PHE A 346 3.24 -6.82 -21.93
CA PHE A 346 3.93 -7.55 -22.99
C PHE A 346 4.30 -8.95 -22.51
N THR A 347 3.98 -9.96 -23.30
CA THR A 347 4.20 -11.34 -22.90
C THR A 347 5.30 -11.99 -23.73
N PHE A 348 6.13 -12.77 -23.05
CA PHE A 348 7.28 -13.43 -23.67
C PHE A 348 7.37 -14.86 -23.19
N HIS A 349 8.31 -15.58 -23.80
CA HIS A 349 8.59 -16.96 -23.43
C HIS A 349 10.11 -17.14 -23.46
N TRP A 350 10.65 -17.64 -22.34
CA TRP A 350 12.10 -17.71 -22.21
C TRP A 350 12.72 -18.64 -23.24
N ASP A 351 12.02 -19.72 -23.62
CA ASP A 351 12.54 -20.66 -24.60
C ASP A 351 12.30 -20.22 -26.05
N ALA A 352 11.68 -19.07 -26.27
CA ALA A 352 11.41 -18.57 -27.61
C ALA A 352 11.38 -17.06 -27.45
N LEU A 353 12.48 -16.54 -26.93
CA LEU A 353 12.56 -15.13 -26.56
C LEU A 353 12.60 -14.27 -27.81
N GLN A 354 11.65 -13.40 -27.94
CA GLN A 354 11.55 -12.50 -29.08
C GLN A 354 11.59 -11.04 -28.68
N ASP A 355 12.61 -10.33 -29.15
CA ASP A 355 12.67 -8.88 -28.96
C ASP A 355 11.43 -8.23 -29.55
N TYR A 356 10.89 -7.27 -28.81
CA TYR A 356 9.68 -6.53 -29.15
C TYR A 356 9.96 -5.11 -29.59
N ARG A 357 9.28 -4.65 -30.64
CA ARG A 357 9.58 -3.35 -31.22
C ARG A 357 8.24 -2.76 -31.65
N ASP A 358 7.96 -1.51 -31.19
CA ASP A 358 6.92 -0.62 -31.78
C ASP A 358 5.69 -0.43 -30.85
N THR B 11 -5.45 -10.12 1.81
CA THR B 11 -4.15 -10.72 2.07
C THR B 11 -4.01 -12.12 1.47
N SER B 12 -2.77 -12.57 1.25
CA SER B 12 -2.53 -13.95 0.86
C SER B 12 -2.99 -14.90 1.97
O5 A2G C . -3.86 -12.39 6.00
C1 A2G C . -4.70 -12.57 4.85
C2 A2G C . -6.03 -13.21 5.21
N2 A2G C . -6.82 -13.33 4.00
C3 A2G C . -6.75 -12.39 6.27
O3 A2G C . -7.83 -13.25 6.65
C4 A2G C . -5.82 -12.19 7.47
O4 A2G C . -5.60 -13.47 8.07
C5 A2G C . -4.50 -11.59 6.99
C6 A2G C . -3.48 -11.37 8.09
O6 A2G C . -2.28 -10.78 7.56
C7 A2G C . -7.25 -14.51 3.53
O7 A2G C . -7.08 -15.56 4.16
C8 A2G C . -7.94 -14.47 2.20
C1 GAL C . -9.15 -12.78 6.86
C2 GAL C . -10.09 -13.99 6.90
C3 GAL C . -11.53 -13.51 7.01
C4 GAL C . -11.72 -12.53 8.16
C5 GAL C . -10.66 -11.44 8.12
C6 GAL C . -10.71 -10.59 9.36
O2 GAL C . -9.91 -14.76 5.73
O3 GAL C . -12.43 -14.62 7.14
O4 GAL C . -11.59 -13.20 9.43
O5 GAL C . -9.34 -12.02 8.05
O6 GAL C . -12.03 -10.08 9.55
ZN ZN D . -3.17 -7.61 -1.10
C ACY E . -6.38 -7.75 -1.36
O ACY E . -6.87 -6.66 -1.67
OXT ACY E . -5.13 -8.02 -1.36
CH3 ACY E . -7.26 -8.91 -0.86
H1 ACY E . -6.71 -9.68 -0.65
H2 ACY E . -7.90 -9.17 -1.54
H3 ACY E . -7.73 -8.65 -0.07
C1 EDO F . 8.55 -3.98 10.21
O1 EDO F . 9.06 -5.32 10.48
C2 EDO F . 9.08 -2.91 11.19
O2 EDO F . 9.13 -3.30 12.61
H11 EDO F . 8.84 -3.69 9.19
H12 EDO F . 7.46 -4.00 10.27
HO1 EDO F . 8.72 -5.93 9.81
H21 EDO F . 10.09 -2.63 10.89
H22 EDO F . 8.44 -2.03 11.11
HO2 EDO F . 9.44 -2.56 13.14
C1 EDO G . 4.97 10.83 19.00
O1 EDO G . 5.49 11.78 19.96
C2 EDO G . 5.13 9.42 19.55
O2 EDO G . 4.17 9.22 20.63
H11 EDO G . 3.91 11.04 18.80
H12 EDO G . 5.51 10.93 18.05
HO1 EDO G . 5.54 12.66 19.55
H21 EDO G . 4.95 8.69 18.76
H22 EDO G . 6.14 9.27 19.91
HO2 EDO G . 4.24 8.32 20.96
ZN ZN H . 1.53 -13.92 -11.47
#